data_9DE7
#
_entry.id   9DE7
#
_cell.length_a   132.538
_cell.length_b   32.580
_cell.length_c   46.211
_cell.angle_alpha   90.000
_cell.angle_beta   90.000
_cell.angle_gamma   90.000
#
_symmetry.space_group_name_H-M   'P 21 21 2'
#
loop_
_entity.id
_entity.type
_entity.pdbx_description
1 polymer 'RNA (58-MER)'
2 water water
#
_entity_poly.entity_id   1
_entity_poly.type   'polyribonucleotide'
_entity_poly.pdbx_seq_one_letter_code
;(GTP)GUCUCUCUGGUUAAGCCAGAUCUGAGCCGAAAAGCUCUCUGGCUAACUAGGGAACCA
;
_entity_poly.pdbx_strand_id   A
#
loop_
_chem_comp.id
_chem_comp.type
_chem_comp.name
_chem_comp.formula
A RNA linking ADENOSINE-5'-MONOPHOSPHATE 'C10 H14 N5 O7 P'
C RNA linking CYTIDINE-5'-MONOPHOSPHATE 'C9 H14 N3 O8 P'
G RNA linking GUANOSINE-5'-MONOPHOSPHATE 'C10 H14 N5 O8 P'
GTP non-polymer GUANOSINE-5'-TRIPHOSPHATE 'C10 H16 N5 O14 P3'
U RNA linking URIDINE-5'-MONOPHOSPHATE 'C9 H13 N2 O9 P'
#
# COMPACT_ATOMS: atom_id res chain seq x y z
PG GTP A 1 0.42 1.10 -4.36
O1G GTP A 1 0.83 2.43 -3.77
O2G GTP A 1 1.42 0.56 -5.35
O3G GTP A 1 -0.99 1.10 -4.89
O3B GTP A 1 0.43 0.06 -3.11
PB GTP A 1 0.76 -1.49 -2.96
O1B GTP A 1 0.31 -1.97 -1.61
O2B GTP A 1 0.30 -2.21 -4.19
O3A GTP A 1 2.36 -1.47 -2.94
PA GTP A 1 3.50 -0.49 -2.38
O1A GTP A 1 4.81 -1.21 -2.49
O2A GTP A 1 3.39 0.82 -3.09
O5' GTP A 1 3.11 -0.30 -0.83
C5' GTP A 1 2.02 0.58 -0.48
C4' GTP A 1 2.03 0.90 1.00
O4' GTP A 1 0.93 1.80 1.30
C3' GTP A 1 1.85 -0.28 1.97
O3' GTP A 1 3.09 -0.80 2.45
C2' GTP A 1 1.06 0.35 3.12
O2' GTP A 1 1.93 1.07 3.96
C1' GTP A 1 0.14 1.28 2.35
N9 GTP A 1 -1.04 0.65 1.78
C8 GTP A 1 -1.26 0.31 0.47
N7 GTP A 1 -2.42 -0.26 0.26
C5 GTP A 1 -3.01 -0.29 1.52
C6 GTP A 1 -4.27 -0.81 1.91
O6 GTP A 1 -5.15 -1.33 1.21
N1 GTP A 1 -4.47 -0.64 3.29
C2 GTP A 1 -3.58 -0.08 4.16
N2 GTP A 1 -3.96 -0.02 5.44
N3 GTP A 1 -2.39 0.39 3.79
C4 GTP A 1 -2.17 0.25 2.46
#